data_6T68
#
_entry.id   6T68
#
_cell.length_a   192.878
_cell.length_b   49.737
_cell.length_c   41.984
_cell.angle_alpha   90.000
_cell.angle_beta   97.538
_cell.angle_gamma   90.000
#
_symmetry.space_group_name_H-M   'C 1 2 1'
#
loop_
_entity.id
_entity.type
_entity.pdbx_description
1 polymer 'MORN repeat-containing protein 1'
2 non-polymer 'CHLORIDE ION'
3 water water
#
_entity_poly.entity_id   1
_entity_poly.type   'polypeptide(L)'
_entity_poly.pdbx_seq_one_letter_code
;SEKYDGEWNEGRMQGWGKYFYADGGVYEGEWVDGRMHGRGTYVFPNGNKYEGEWVEDRKDGYGILLYTNGERYEGYWHLD
KAHGKGTLTFLQGDRYVGEWHYGKKHGHGVLSYSNGDTYDGEWRDDDAWGYGVLQYANGCRYEGEWAEDRRHGKGLLVLP
DGSSYEGSFAHGKKDGPGKIILKDGSMYIGTWKDGVIVGQGEFRLSENCDLSNPDY
;
_entity_poly.pdbx_strand_id   A,B
#
# COMPACT_ATOMS: atom_id res chain seq x y z
N GLN A 14 -34.87 -11.07 -65.16
CA GLN A 14 -34.53 -9.72 -64.73
C GLN A 14 -35.76 -8.98 -64.21
N GLY A 15 -35.54 -7.85 -63.56
CA GLY A 15 -36.61 -6.92 -63.27
C GLY A 15 -37.22 -7.07 -61.89
N TRP A 16 -38.30 -6.34 -61.69
CA TRP A 16 -38.96 -6.18 -60.40
C TRP A 16 -40.22 -7.04 -60.35
N GLY A 17 -40.72 -7.25 -59.15
CA GLY A 17 -41.89 -8.08 -58.94
C GLY A 17 -41.89 -8.68 -57.54
N LYS A 18 -43.09 -9.04 -57.10
CA LYS A 18 -43.30 -9.59 -55.77
C LYS A 18 -43.58 -11.09 -55.87
N TYR A 19 -43.19 -11.82 -54.82
CA TYR A 19 -43.30 -13.27 -54.79
C TYR A 19 -43.71 -13.72 -53.40
N PHE A 20 -44.63 -14.67 -53.34
CA PHE A 20 -45.12 -15.25 -52.09
C PHE A 20 -44.72 -16.72 -52.04
N TYR A 21 -43.71 -17.04 -51.24
CA TYR A 21 -43.28 -18.42 -51.10
C TYR A 21 -44.30 -19.21 -50.30
N ALA A 22 -44.19 -20.55 -50.37
CA ALA A 22 -45.08 -21.39 -49.59
C ALA A 22 -44.81 -21.24 -48.09
N ASP A 23 -43.59 -20.86 -47.72
CA ASP A 23 -43.24 -20.70 -46.31
C ASP A 23 -44.07 -19.63 -45.63
N GLY A 24 -44.64 -18.70 -46.39
CA GLY A 24 -45.15 -17.46 -45.86
C GLY A 24 -44.23 -16.29 -46.07
N GLY A 25 -42.98 -16.54 -46.46
CA GLY A 25 -42.08 -15.46 -46.76
C GLY A 25 -42.48 -14.72 -48.02
N VAL A 26 -42.19 -13.42 -48.04
CA VAL A 26 -42.52 -12.56 -49.16
C VAL A 26 -41.26 -11.85 -49.61
N TYR A 27 -41.07 -11.72 -50.92
CA TYR A 27 -40.01 -10.89 -51.49
C TYR A 27 -40.59 -9.99 -52.57
N GLU A 28 -40.15 -8.73 -52.57
CA GLU A 28 -40.43 -7.83 -53.69
C GLU A 28 -39.23 -6.94 -53.92
N GLY A 29 -38.82 -6.83 -55.17
CA GLY A 29 -37.63 -6.08 -55.52
C GLY A 29 -37.09 -6.58 -56.84
N GLU A 30 -35.86 -6.19 -57.13
CA GLU A 30 -35.22 -6.53 -58.40
C GLU A 30 -34.80 -8.00 -58.40
N TRP A 31 -34.76 -8.58 -59.61
CA TRP A 31 -34.29 -9.94 -59.81
C TRP A 31 -33.29 -9.99 -60.94
N VAL A 32 -32.50 -11.06 -60.95
CA VAL A 32 -31.58 -11.39 -62.05
C VAL A 32 -31.53 -12.90 -62.20
N ASP A 33 -31.87 -13.39 -63.39
CA ASP A 33 -31.75 -14.82 -63.73
C ASP A 33 -32.54 -15.68 -62.75
N GLY A 34 -33.68 -15.19 -62.30
CA GLY A 34 -34.47 -15.93 -61.33
C GLY A 34 -33.93 -15.90 -59.93
N ARG A 35 -32.92 -15.09 -59.65
CA ARG A 35 -32.37 -14.94 -58.31
C ARG A 35 -32.54 -13.50 -57.85
N MET A 36 -32.87 -13.33 -56.57
CA MET A 36 -32.99 -11.99 -56.01
C MET A 36 -31.66 -11.26 -56.15
N HIS A 37 -31.69 -10.09 -56.77
CA HIS A 37 -30.45 -9.40 -57.13
C HIS A 37 -30.75 -7.93 -57.34
N GLY A 38 -30.13 -7.08 -56.52
CA GLY A 38 -30.40 -5.66 -56.52
C GLY A 38 -31.05 -5.22 -55.21
N ARG A 39 -31.90 -4.22 -55.30
CA ARG A 39 -32.67 -3.80 -54.14
C ARG A 39 -33.91 -4.67 -53.99
N GLY A 40 -34.29 -4.92 -52.75
CA GLY A 40 -35.43 -5.79 -52.49
C GLY A 40 -35.73 -5.84 -51.01
N THR A 41 -36.93 -6.33 -50.70
CA THR A 41 -37.39 -6.46 -49.33
C THR A 41 -37.92 -7.87 -49.13
N TYR A 42 -37.55 -8.50 -48.02
CA TYR A 42 -37.93 -9.88 -47.74
C TYR A 42 -38.31 -9.97 -46.27
N VAL A 43 -39.59 -10.21 -46.01
CA VAL A 43 -40.06 -10.50 -44.65
C VAL A 43 -40.19 -12.01 -44.52
N PHE A 44 -39.46 -12.59 -43.59
CA PHE A 44 -39.32 -14.04 -43.49
C PHE A 44 -40.54 -14.65 -42.84
N PRO A 45 -40.67 -15.98 -42.88
CA PRO A 45 -41.63 -16.65 -41.99
C PRO A 45 -41.34 -16.37 -40.52
N ASN A 46 -40.08 -16.09 -40.20
CA ASN A 46 -39.70 -15.65 -38.86
C ASN A 46 -40.57 -14.47 -38.41
N GLY A 47 -40.88 -13.57 -39.33
CA GLY A 47 -41.22 -12.21 -39.00
C GLY A 47 -40.06 -11.26 -39.21
N ASN A 48 -38.85 -11.78 -39.33
CA ASN A 48 -37.70 -10.98 -39.74
C ASN A 48 -37.98 -10.36 -41.10
N LYS A 49 -37.65 -9.07 -41.23
CA LYS A 49 -37.84 -8.34 -42.48
C LYS A 49 -36.50 -7.72 -42.87
N TYR A 50 -35.93 -8.19 -43.98
CA TYR A 50 -34.71 -7.60 -44.50
C TYR A 50 -35.04 -6.59 -45.60
N GLU A 51 -34.20 -5.57 -45.70
CA GLU A 51 -34.44 -4.45 -46.61
C GLU A 51 -33.07 -3.90 -47.02
N GLY A 52 -32.58 -4.34 -48.17
CA GLY A 52 -31.29 -3.88 -48.61
C GLY A 52 -30.91 -4.46 -49.95
N GLU A 53 -29.61 -4.42 -50.25
CA GLU A 53 -29.10 -4.90 -51.51
C GLU A 53 -28.96 -6.41 -51.52
N TRP A 54 -29.12 -7.01 -52.70
CA TRP A 54 -29.07 -8.45 -52.86
C TRP A 54 -28.09 -8.80 -53.98
N VAL A 55 -27.50 -9.98 -53.89
CA VAL A 55 -26.68 -10.55 -54.95
C VAL A 55 -26.93 -12.05 -54.96
N GLU A 56 -27.60 -12.53 -56.02
CA GLU A 56 -27.81 -13.96 -56.26
C GLU A 56 -28.43 -14.65 -55.04
N ASP A 57 -29.60 -14.13 -54.64
CA ASP A 57 -30.43 -14.68 -53.57
C ASP A 57 -29.77 -14.58 -52.20
N ARG A 58 -28.83 -13.67 -52.00
CA ARG A 58 -28.15 -13.50 -50.71
C ARG A 58 -28.09 -12.03 -50.33
N LYS A 59 -28.22 -11.76 -49.04
CA LYS A 59 -27.96 -10.41 -48.53
C LYS A 59 -26.51 -10.04 -48.82
N ASP A 60 -26.30 -8.94 -49.53
CA ASP A 60 -24.97 -8.56 -49.97
C ASP A 60 -25.00 -7.07 -50.29
N GLY A 61 -24.07 -6.33 -49.71
CA GLY A 61 -24.16 -4.88 -49.72
C GLY A 61 -24.87 -4.38 -48.48
N TYR A 62 -25.30 -3.13 -48.54
CA TYR A 62 -25.96 -2.52 -47.38
C TYR A 62 -27.35 -3.11 -47.18
N GLY A 63 -27.75 -3.22 -45.92
CA GLY A 63 -29.08 -3.68 -45.57
C GLY A 63 -29.39 -3.57 -44.09
N ILE A 64 -30.67 -3.43 -43.76
CA ILE A 64 -31.15 -3.50 -42.39
C ILE A 64 -31.93 -4.79 -42.23
N LEU A 65 -31.75 -5.46 -41.09
CA LEU A 65 -32.54 -6.64 -40.75
C LEU A 65 -33.20 -6.40 -39.40
N LEU A 66 -34.52 -6.27 -39.41
CA LEU A 66 -35.30 -6.03 -38.20
C LEU A 66 -35.91 -7.35 -37.73
N TYR A 67 -35.61 -7.73 -36.50
CA TYR A 67 -36.18 -8.95 -35.93
C TYR A 67 -37.45 -8.62 -35.16
N THR A 68 -38.38 -9.57 -35.15
CA THR A 68 -39.63 -9.38 -34.43
C THR A 68 -39.43 -9.32 -32.93
N ASN A 69 -38.33 -9.86 -32.41
CA ASN A 69 -38.08 -9.82 -30.98
C ASN A 69 -37.57 -8.45 -30.52
N GLY A 70 -36.84 -7.75 -31.38
CA GLY A 70 -36.39 -6.40 -31.06
C GLY A 70 -35.11 -5.95 -31.71
N GLU A 71 -34.21 -6.89 -32.01
CA GLU A 71 -32.89 -6.53 -32.51
C GLU A 71 -32.96 -5.96 -33.92
N ARG A 72 -31.88 -5.29 -34.31
CA ARG A 72 -31.85 -4.56 -35.58
C ARG A 72 -30.40 -4.41 -36.02
N TYR A 73 -30.03 -5.06 -37.12
CA TYR A 73 -28.73 -4.89 -37.73
C TYR A 73 -28.82 -3.87 -38.85
N GLU A 74 -27.81 -2.99 -38.93
CA GLU A 74 -27.70 -2.02 -40.00
C GLU A 74 -26.24 -1.97 -40.42
N GLY A 75 -25.95 -2.46 -41.62
CA GLY A 75 -24.58 -2.46 -42.09
C GLY A 75 -24.45 -3.24 -43.39
N TYR A 76 -23.20 -3.57 -43.72
CA TYR A 76 -22.91 -4.21 -44.98
C TYR A 76 -22.98 -5.72 -44.85
N TRP A 77 -23.42 -6.37 -45.92
CA TRP A 77 -23.58 -7.81 -45.98
C TRP A 77 -22.71 -8.40 -47.08
N HIS A 78 -22.30 -9.64 -46.89
CA HIS A 78 -21.64 -10.39 -47.96
C HIS A 78 -21.93 -11.86 -47.75
N LEU A 79 -22.39 -12.52 -48.81
CA LEU A 79 -22.77 -13.93 -48.77
C LEU A 79 -23.76 -14.20 -47.63
N ASP A 80 -24.76 -13.33 -47.54
CA ASP A 80 -25.88 -13.46 -46.61
C ASP A 80 -25.45 -13.39 -45.14
N LYS A 81 -24.28 -12.82 -44.87
CA LYS A 81 -23.77 -12.70 -43.52
C LYS A 81 -23.25 -11.29 -43.29
N ALA A 82 -23.30 -10.85 -42.04
CA ALA A 82 -22.75 -9.55 -41.69
C ALA A 82 -21.26 -9.52 -42.03
N HIS A 83 -20.84 -8.47 -42.72
CA HIS A 83 -19.48 -8.38 -43.25
C HIS A 83 -19.15 -6.93 -43.52
N GLY A 84 -18.11 -6.42 -42.87
CA GLY A 84 -17.77 -5.02 -42.99
C GLY A 84 -18.22 -4.23 -41.78
N LYS A 85 -18.43 -2.93 -41.95
CA LYS A 85 -18.90 -2.10 -40.85
C LYS A 85 -20.39 -2.31 -40.65
N GLY A 86 -20.80 -2.44 -39.39
CA GLY A 86 -22.20 -2.69 -39.09
C GLY A 86 -22.56 -2.50 -37.64
N THR A 87 -23.78 -2.05 -37.37
CA THR A 87 -24.26 -1.82 -36.02
C THR A 87 -25.40 -2.76 -35.70
N LEU A 88 -25.30 -3.44 -34.55
CA LEU A 88 -26.34 -4.36 -34.09
C LEU A 88 -26.75 -3.97 -32.69
N THR A 89 -28.03 -3.70 -32.50
CA THR A 89 -28.59 -3.38 -31.20
C THR A 89 -29.46 -4.54 -30.73
N PHE A 90 -29.35 -4.87 -29.45
CA PHE A 90 -29.70 -6.21 -28.96
C PHE A 90 -31.03 -6.23 -28.20
N LEU A 91 -31.39 -7.43 -27.75
CA LEU A 91 -32.50 -7.62 -26.82
C LEU A 91 -32.36 -6.72 -25.61
N GLN A 92 -31.21 -6.80 -24.95
CA GLN A 92 -30.94 -6.11 -23.71
C GLN A 92 -30.69 -4.61 -23.89
N GLY A 93 -30.50 -4.16 -25.13
CA GLY A 93 -30.09 -2.80 -25.41
C GLY A 93 -28.64 -2.67 -25.80
N ASP A 94 -27.90 -3.77 -25.80
CA ASP A 94 -26.49 -3.74 -26.14
C ASP A 94 -26.30 -3.34 -27.60
N ARG A 95 -25.31 -2.47 -27.83
CA ARG A 95 -25.09 -1.85 -29.13
C ARG A 95 -23.66 -2.10 -29.55
N TYR A 96 -23.48 -2.85 -30.64
CA TYR A 96 -22.16 -3.07 -31.21
C TYR A 96 -21.99 -2.18 -32.43
N VAL A 97 -20.79 -1.60 -32.55
CA VAL A 97 -20.42 -0.77 -33.68
C VAL A 97 -18.98 -1.13 -34.03
N GLY A 98 -18.77 -1.83 -35.14
CA GLY A 98 -17.44 -2.21 -35.52
C GLY A 98 -17.44 -3.08 -36.76
N GLU A 99 -16.29 -3.68 -37.00
CA GLU A 99 -16.10 -4.52 -38.18
C GLU A 99 -16.66 -5.92 -37.95
N TRP A 100 -17.18 -6.51 -39.01
CA TRP A 100 -17.70 -7.86 -39.00
C TRP A 100 -16.93 -8.71 -40.00
N HIS A 101 -17.01 -10.03 -39.83
CA HIS A 101 -16.40 -10.94 -40.78
C HIS A 101 -17.28 -12.19 -40.86
N TYR A 102 -18.22 -12.16 -41.80
CA TYR A 102 -19.11 -13.29 -42.09
C TYR A 102 -19.91 -13.70 -40.85
N GLY A 103 -20.61 -12.73 -40.28
CA GLY A 103 -21.52 -12.96 -39.18
C GLY A 103 -20.92 -12.84 -37.80
N LYS A 104 -19.59 -12.72 -37.69
CA LYS A 104 -18.93 -12.69 -36.40
C LYS A 104 -18.21 -11.37 -36.20
N LYS A 105 -18.27 -10.84 -34.98
CA LYS A 105 -17.49 -9.67 -34.62
C LYS A 105 -16.01 -9.98 -34.80
N HIS A 106 -15.34 -9.20 -35.64
CA HIS A 106 -13.97 -9.50 -36.03
C HIS A 106 -13.32 -8.21 -36.49
N GLY A 107 -12.14 -7.92 -35.94
CA GLY A 107 -11.47 -6.65 -36.19
C GLY A 107 -11.58 -5.75 -34.99
N HIS A 108 -11.99 -4.50 -35.21
CA HIS A 108 -12.15 -3.52 -34.15
C HIS A 108 -13.62 -3.15 -34.00
N GLY A 109 -14.09 -3.12 -32.75
CA GLY A 109 -15.48 -2.80 -32.49
C GLY A 109 -15.71 -2.40 -31.04
N VAL A 110 -16.78 -1.64 -30.84
CA VAL A 110 -17.18 -1.17 -29.52
C VAL A 110 -18.52 -1.80 -29.17
N LEU A 111 -18.60 -2.42 -27.99
CA LEU A 111 -19.84 -2.98 -27.48
C LEU A 111 -20.19 -2.30 -26.17
N SER A 112 -21.38 -1.69 -26.12
CA SER A 112 -21.91 -1.06 -24.91
C SER A 112 -23.00 -1.95 -24.36
N TYR A 113 -22.73 -2.60 -23.23
CA TYR A 113 -23.71 -3.51 -22.64
C TYR A 113 -24.78 -2.71 -21.89
N SER A 114 -25.95 -3.33 -21.75
CA SER A 114 -27.04 -2.71 -21.00
C SER A 114 -26.67 -2.55 -19.54
N ASN A 115 -25.85 -3.45 -18.99
CA ASN A 115 -25.45 -3.38 -17.60
C ASN A 115 -24.63 -2.14 -17.29
N GLY A 116 -24.23 -1.38 -18.29
CA GLY A 116 -23.40 -0.20 -18.13
C GLY A 116 -21.99 -0.37 -18.64
N ASP A 117 -21.46 -1.59 -18.65
CA ASP A 117 -20.11 -1.81 -19.16
C ASP A 117 -20.05 -1.49 -20.65
N THR A 118 -18.87 -1.07 -21.10
CA THR A 118 -18.65 -0.87 -22.52
C THR A 118 -17.22 -1.26 -22.88
N TYR A 119 -17.08 -2.07 -23.91
CA TYR A 119 -15.81 -2.60 -24.38
C TYR A 119 -15.38 -1.91 -25.66
N ASP A 120 -14.09 -1.64 -25.80
CA ASP A 120 -13.54 -1.03 -27.01
C ASP A 120 -12.20 -1.68 -27.29
N GLY A 121 -12.15 -2.55 -28.28
CA GLY A 121 -10.90 -3.21 -28.60
C GLY A 121 -11.03 -4.16 -29.77
N GLU A 122 -10.07 -5.07 -29.84
CA GLU A 122 -9.97 -6.01 -30.95
C GLU A 122 -10.90 -7.20 -30.73
N TRP A 123 -11.27 -7.83 -31.85
CA TRP A 123 -12.12 -9.02 -31.86
C TRP A 123 -11.54 -10.03 -32.84
N ARG A 124 -11.81 -11.31 -32.57
CA ARG A 124 -11.44 -12.40 -33.46
C ARG A 124 -12.45 -13.52 -33.28
N ASP A 125 -13.17 -13.83 -34.35
CA ASP A 125 -14.18 -14.90 -34.38
C ASP A 125 -15.22 -14.71 -33.27
N ASP A 126 -15.83 -13.52 -33.27
CA ASP A 126 -16.91 -13.14 -32.36
C ASP A 126 -16.48 -13.14 -30.89
N ASP A 127 -15.18 -13.08 -30.62
CA ASP A 127 -14.65 -13.06 -29.28
C ASP A 127 -13.72 -11.87 -29.10
N ALA A 128 -13.78 -11.24 -27.94
CA ALA A 128 -12.74 -10.30 -27.55
C ALA A 128 -11.41 -11.04 -27.54
N TRP A 129 -10.43 -10.52 -28.28
CA TRP A 129 -9.19 -11.25 -28.51
C TRP A 129 -8.15 -10.27 -29.04
N GLY A 130 -7.08 -10.09 -28.30
CA GLY A 130 -6.12 -9.03 -28.54
C GLY A 130 -6.21 -7.94 -27.50
N TYR A 131 -5.79 -6.74 -27.89
CA TYR A 131 -5.86 -5.60 -26.99
C TYR A 131 -7.26 -5.00 -27.00
N GLY A 132 -7.73 -4.60 -25.82
CA GLY A 132 -9.03 -3.97 -25.70
C GLY A 132 -9.19 -3.32 -24.35
N VAL A 133 -10.01 -2.27 -24.31
CA VAL A 133 -10.31 -1.53 -23.09
C VAL A 133 -11.75 -1.81 -22.69
N LEU A 134 -11.97 -2.15 -21.42
CA LEU A 134 -13.29 -2.40 -20.89
C LEU A 134 -13.52 -1.50 -19.68
N GLN A 135 -14.50 -0.60 -19.78
CA GLN A 135 -14.89 0.25 -18.67
C GLN A 135 -16.08 -0.40 -17.97
N TYR A 136 -15.85 -0.93 -16.78
CA TYR A 136 -16.91 -1.57 -16.02
C TYR A 136 -17.88 -0.53 -15.46
N ALA A 137 -19.13 -0.96 -15.25
CA ALA A 137 -20.13 -0.05 -14.72
C ALA A 137 -19.86 0.33 -13.28
N ASN A 138 -19.16 -0.53 -12.53
CA ASN A 138 -18.80 -0.22 -11.15
C ASN A 138 -17.68 0.83 -11.03
N GLY A 139 -17.30 1.48 -12.13
CA GLY A 139 -16.28 2.51 -12.11
C GLY A 139 -14.89 2.07 -12.52
N CYS A 140 -14.70 0.80 -12.84
CA CYS A 140 -13.38 0.27 -13.13
C CYS A 140 -13.03 0.34 -14.62
N ARG A 141 -11.77 0.09 -14.91
CA ARG A 141 -11.22 0.11 -16.26
C ARG A 141 -10.16 -0.97 -16.38
N TYR A 142 -10.24 -1.77 -17.42
CA TYR A 142 -9.21 -2.77 -17.74
C TYR A 142 -8.60 -2.41 -19.08
N GLU A 143 -7.28 -2.25 -19.10
CA GLU A 143 -6.53 -1.97 -20.33
C GLU A 143 -5.48 -3.07 -20.48
N GLY A 144 -5.75 -4.02 -21.36
CA GLY A 144 -4.85 -5.12 -21.53
C GLY A 144 -5.27 -6.00 -22.69
N GLU A 145 -4.70 -7.19 -22.74
CA GLU A 145 -4.99 -8.11 -23.82
C GLU A 145 -6.05 -9.12 -23.41
N TRP A 146 -6.68 -9.71 -24.42
CA TRP A 146 -7.75 -10.66 -24.24
C TRP A 146 -7.48 -11.89 -25.11
N ALA A 147 -7.95 -13.04 -24.64
CA ALA A 147 -7.87 -14.27 -25.42
C ALA A 147 -9.18 -15.02 -25.24
N GLU A 148 -9.86 -15.29 -26.35
CA GLU A 148 -11.11 -16.05 -26.37
C GLU A 148 -12.14 -15.44 -25.42
N ASP A 149 -12.35 -14.14 -25.57
CA ASP A 149 -13.40 -13.38 -24.88
C ASP A 149 -13.11 -13.18 -23.39
N ARG A 150 -11.89 -13.41 -22.94
CA ARG A 150 -11.57 -13.29 -21.51
C ARG A 150 -10.24 -12.58 -21.33
N ARG A 151 -10.11 -11.91 -20.19
CA ARG A 151 -8.89 -11.17 -19.89
C ARG A 151 -7.71 -12.13 -19.77
N HIS A 152 -6.74 -11.98 -20.66
CA HIS A 152 -5.68 -12.96 -20.77
C HIS A 152 -4.44 -12.26 -21.30
N GLY A 153 -3.31 -12.46 -20.63
CA GLY A 153 -2.09 -11.78 -20.95
C GLY A 153 -1.80 -10.66 -19.97
N LYS A 154 -1.00 -9.70 -20.42
CA LYS A 154 -0.66 -8.55 -19.59
C LYS A 154 -1.81 -7.55 -19.58
N GLY A 155 -2.11 -7.02 -18.41
CA GLY A 155 -3.19 -6.06 -18.28
C GLY A 155 -2.98 -5.12 -17.12
N LEU A 156 -3.63 -3.95 -17.22
CA LEU A 156 -3.68 -2.98 -16.16
C LEU A 156 -5.13 -2.80 -15.73
N LEU A 157 -5.41 -3.05 -14.46
CA LEU A 157 -6.76 -2.98 -13.92
C LEU A 157 -6.81 -1.86 -12.89
N VAL A 158 -7.51 -0.78 -13.25
CA VAL A 158 -7.66 0.39 -12.38
C VAL A 158 -8.95 0.25 -11.58
N LEU A 159 -8.86 0.47 -10.28
CA LEU A 159 -9.98 0.41 -9.35
C LEU A 159 -10.50 1.82 -9.06
N PRO A 160 -11.78 1.96 -8.72
CA PRO A 160 -12.30 3.31 -8.41
C PRO A 160 -11.57 3.96 -7.26
N ASP A 161 -10.97 3.13 -6.39
CA ASP A 161 -10.04 3.58 -5.35
C ASP A 161 -9.07 4.65 -5.84
N GLY A 162 -8.44 4.41 -6.99
CA GLY A 162 -7.27 5.14 -7.41
C GLY A 162 -6.02 4.30 -7.43
N SER A 163 -6.06 3.13 -6.78
CA SER A 163 -4.99 2.15 -6.92
C SER A 163 -5.14 1.43 -8.25
N SER A 164 -4.24 0.48 -8.49
CA SER A 164 -4.21 -0.21 -9.77
C SER A 164 -3.43 -1.50 -9.64
N TYR A 165 -3.90 -2.54 -10.33
CA TYR A 165 -3.17 -3.77 -10.49
C TYR A 165 -2.68 -3.86 -11.92
N GLU A 166 -1.38 -4.07 -12.10
CA GLU A 166 -0.87 -4.40 -13.42
C GLU A 166 0.03 -5.62 -13.29
N GLY A 167 -0.17 -6.56 -14.20
CA GLY A 167 0.47 -7.85 -14.19
C GLY A 167 -0.15 -8.69 -15.29
N SER A 168 -0.28 -9.99 -15.06
CA SER A 168 -0.82 -10.89 -16.06
C SER A 168 -2.16 -11.46 -15.60
N PHE A 169 -2.99 -11.84 -16.58
CA PHE A 169 -4.28 -12.45 -16.33
C PHE A 169 -4.36 -13.76 -17.09
N ALA A 170 -5.16 -14.69 -16.57
CA ALA A 170 -5.38 -15.97 -17.24
C ALA A 170 -6.84 -16.36 -17.08
N HIS A 171 -7.55 -16.47 -18.20
CA HIS A 171 -8.94 -16.93 -18.23
C HIS A 171 -9.86 -16.03 -17.42
N GLY A 172 -9.55 -14.74 -17.35
CA GLY A 172 -10.43 -13.76 -16.76
C GLY A 172 -10.13 -13.37 -15.33
N LYS A 173 -9.14 -13.98 -14.69
CA LYS A 173 -8.77 -13.67 -13.32
C LYS A 173 -7.30 -13.26 -13.26
N LYS A 174 -6.93 -12.60 -12.16
CA LYS A 174 -5.52 -12.28 -11.92
C LYS A 174 -4.72 -13.56 -11.80
N ASP A 175 -3.65 -13.67 -12.57
CA ASP A 175 -2.88 -14.92 -12.60
C ASP A 175 -1.49 -14.66 -13.15
N GLY A 176 -0.48 -15.02 -12.38
CA GLY A 176 0.89 -14.77 -12.75
C GLY A 176 1.45 -13.63 -11.94
N PRO A 177 2.63 -13.14 -12.32
CA PRO A 177 3.22 -12.01 -11.59
C PRO A 177 2.42 -10.74 -11.79
N GLY A 178 2.39 -9.91 -10.75
CA GLY A 178 1.64 -8.67 -10.79
C GLY A 178 2.05 -7.73 -9.68
N LYS A 179 1.71 -6.46 -9.87
CA LYS A 179 1.98 -5.41 -8.90
C LYS A 179 0.69 -4.66 -8.60
N ILE A 180 0.31 -4.62 -7.34
CA ILE A 180 -0.71 -3.69 -6.86
C ILE A 180 0.03 -2.44 -6.42
N ILE A 181 -0.31 -1.29 -7.01
CA ILE A 181 0.27 -0.02 -6.61
C ILE A 181 -0.86 0.90 -6.18
N LEU A 182 -0.74 1.46 -4.98
CA LEU A 182 -1.80 2.24 -4.38
C LEU A 182 -1.69 3.72 -4.74
N LYS A 183 -2.64 4.51 -4.25
CA LYS A 183 -2.57 5.96 -4.42
C LYS A 183 -1.29 6.51 -3.80
N ASP A 184 -0.84 5.95 -2.68
CA ASP A 184 0.36 6.44 -2.01
C ASP A 184 1.59 6.33 -2.91
N GLY A 185 1.64 5.31 -3.76
CA GLY A 185 2.87 4.88 -4.38
C GLY A 185 3.46 3.65 -3.74
N SER A 186 3.01 3.31 -2.53
CA SER A 186 3.36 2.03 -1.93
C SER A 186 2.74 0.89 -2.74
N MET A 187 3.52 -0.15 -2.97
CA MET A 187 3.11 -1.22 -3.86
C MET A 187 3.32 -2.58 -3.20
N TYR A 188 2.48 -3.54 -3.60
CA TYR A 188 2.66 -4.95 -3.26
C TYR A 188 3.05 -5.69 -4.53
N ILE A 189 4.12 -6.48 -4.45
CA ILE A 189 4.64 -7.24 -5.58
C ILE A 189 4.52 -8.72 -5.24
N GLY A 190 3.92 -9.48 -6.14
CA GLY A 190 3.77 -10.90 -5.91
C GLY A 190 3.22 -11.61 -7.11
N THR A 191 2.67 -12.79 -6.87
CA THR A 191 2.15 -13.65 -7.92
C THR A 191 0.73 -14.09 -7.57
N TRP A 192 -0.07 -14.29 -8.60
CA TRP A 192 -1.47 -14.65 -8.45
C TRP A 192 -1.75 -16.00 -9.10
N LYS A 193 -2.75 -16.70 -8.57
CA LYS A 193 -3.26 -17.93 -9.16
C LYS A 193 -4.77 -17.93 -9.03
N ASP A 194 -5.48 -17.83 -10.15
CA ASP A 194 -6.94 -17.83 -10.18
C ASP A 194 -7.51 -16.68 -9.35
N GLY A 195 -6.95 -15.48 -9.53
CA GLY A 195 -7.49 -14.28 -8.94
C GLY A 195 -7.23 -14.08 -7.46
N VAL A 196 -6.45 -14.96 -6.82
CA VAL A 196 -6.17 -14.85 -5.39
C VAL A 196 -4.68 -14.90 -5.17
N ILE A 197 -4.23 -14.24 -4.09
CA ILE A 197 -2.82 -14.14 -3.78
C ILE A 197 -2.22 -15.52 -3.54
N VAL A 198 -1.01 -15.75 -4.05
CA VAL A 198 -0.30 -17.00 -3.83
C VAL A 198 1.20 -16.71 -3.86
N GLY A 199 1.97 -17.63 -3.28
CA GLY A 199 3.41 -17.47 -3.24
C GLY A 199 3.87 -16.45 -2.21
N GLN A 200 5.13 -16.06 -2.34
CA GLN A 200 5.70 -15.06 -1.46
C GLN A 200 5.70 -13.70 -2.15
N GLY A 201 5.46 -12.65 -1.36
CA GLY A 201 5.37 -11.32 -1.88
C GLY A 201 6.28 -10.35 -1.15
N GLU A 202 6.42 -9.17 -1.73
CA GLU A 202 7.13 -8.08 -1.09
C GLU A 202 6.26 -6.84 -1.10
N PHE A 203 6.24 -6.11 0.02
CA PHE A 203 5.53 -4.86 0.14
C PHE A 203 6.53 -3.74 0.32
N ARG A 204 6.43 -2.71 -0.52
CA ARG A 204 7.27 -1.53 -0.44
C ARG A 204 6.44 -0.33 -0.01
N LEU A 205 7.00 0.48 0.87
CA LEU A 205 6.33 1.66 1.38
C LEU A 205 6.71 2.90 0.59
N SER A 206 5.77 3.85 0.48
CA SER A 206 6.09 5.10 -0.18
C SER A 206 7.03 5.95 0.66
N GLU A 207 6.77 6.04 1.97
CA GLU A 207 7.64 6.75 2.91
C GLU A 207 7.92 5.85 4.10
N ASN A 208 9.14 5.93 4.62
CA ASN A 208 9.59 5.02 5.67
C ASN A 208 10.38 5.80 6.72
N CYS A 209 10.79 5.11 7.80
CA CYS A 209 11.68 5.75 8.76
C CYS A 209 13.14 5.61 8.34
N ASP A 210 13.91 6.61 8.78
CA ASP A 210 15.35 6.68 8.84
C ASP A 210 16.04 6.62 7.47
N LEU A 211 15.61 5.68 6.66
CA LEU A 211 16.16 5.41 5.34
C LEU A 211 17.57 4.82 5.49
N MET B 13 38.86 15.65 63.22
CA MET B 13 38.53 16.14 61.89
C MET B 13 37.03 16.44 61.86
N GLN B 14 36.69 17.60 62.42
CA GLN B 14 35.34 17.93 62.84
C GLN B 14 35.06 19.39 62.48
N GLY B 15 33.79 19.75 62.47
CA GLY B 15 33.41 21.15 62.25
C GLY B 15 33.34 21.46 60.78
N TRP B 16 34.07 22.51 60.37
CA TRP B 16 34.23 22.82 58.96
C TRP B 16 35.61 22.38 58.49
N GLY B 17 36.26 23.19 57.66
CA GLY B 17 37.65 22.99 57.30
C GLY B 17 37.85 22.78 55.82
N LYS B 18 39.11 22.56 55.46
CA LYS B 18 39.55 22.26 54.10
C LYS B 18 40.64 21.21 54.20
N TYR B 19 40.89 20.48 53.11
CA TYR B 19 41.79 19.33 53.25
C TYR B 19 42.25 18.69 51.93
N PHE B 20 42.64 17.42 52.05
CA PHE B 20 42.97 16.49 50.98
C PHE B 20 44.28 16.79 50.26
N TYR B 21 44.18 16.97 48.93
CA TYR B 21 45.31 16.96 48.00
C TYR B 21 45.79 15.52 47.80
N ALA B 22 44.86 14.61 47.54
CA ALA B 22 45.21 13.29 47.03
C ALA B 22 46.08 13.42 45.79
N ASP B 23 45.58 14.16 44.80
CA ASP B 23 46.43 14.81 43.80
C ASP B 23 46.53 16.28 44.18
N GLY B 24 45.86 17.13 43.42
CA GLY B 24 45.53 18.48 43.82
C GLY B 24 44.10 18.63 44.27
N GLY B 25 43.37 17.52 44.46
CA GLY B 25 41.99 17.57 44.87
C GLY B 25 41.82 18.22 46.23
N VAL B 26 41.07 19.32 46.27
CA VAL B 26 40.77 20.03 47.50
C VAL B 26 39.31 19.82 47.83
N TYR B 27 39.04 19.13 48.94
CA TYR B 27 37.70 19.12 49.49
C TYR B 27 37.59 20.21 50.55
N GLU B 28 36.53 21.01 50.46
CA GLU B 28 36.22 22.00 51.49
C GLU B 28 34.75 21.85 51.85
N GLY B 29 34.48 21.50 53.09
CA GLY B 29 33.12 21.30 53.55
C GLY B 29 33.12 20.76 54.97
N GLU B 30 31.95 20.29 55.40
CA GLU B 30 31.80 19.74 56.74
C GLU B 30 32.55 18.41 56.85
N TRP B 31 32.86 18.04 58.09
CA TRP B 31 33.60 16.80 58.36
C TRP B 31 33.06 16.11 59.60
N VAL B 32 33.23 14.79 59.63
CA VAL B 32 33.18 14.00 60.85
C VAL B 32 34.27 12.93 60.76
N ASP B 33 35.06 12.80 61.84
CA ASP B 33 35.99 11.68 62.03
C ASP B 33 36.83 11.37 60.79
N GLY B 34 37.38 12.41 60.17
CA GLY B 34 38.19 12.23 58.98
C GLY B 34 37.44 11.78 57.76
N ARG B 35 36.11 11.71 57.82
CA ARG B 35 35.26 11.42 56.67
C ARG B 35 34.49 12.68 56.30
N MET B 36 34.35 12.93 55.01
CA MET B 36 33.56 14.06 54.57
C MET B 36 32.08 13.76 54.77
N HIS B 37 31.39 14.69 55.43
CA HIS B 37 30.04 14.41 55.93
C HIS B 37 29.32 15.73 56.12
N GLY B 38 28.18 15.90 55.44
CA GLY B 38 27.48 17.16 55.41
C GLY B 38 27.46 17.70 53.99
N ARG B 39 27.28 19.00 53.83
CA ARG B 39 27.49 19.60 52.52
C ARG B 39 28.92 20.07 52.40
N GLY B 40 29.48 19.86 51.22
CA GLY B 40 30.84 20.27 50.93
C GLY B 40 31.04 20.21 49.44
N THR B 41 32.17 20.75 49.02
CA THR B 41 32.52 20.81 47.61
C THR B 41 33.84 20.08 47.44
N TYR B 42 34.09 19.57 46.25
CA TYR B 42 35.35 18.88 45.96
C TYR B 42 35.66 19.07 44.48
N VAL B 43 36.70 19.84 44.19
CA VAL B 43 37.24 19.93 42.85
C VAL B 43 38.31 18.85 42.71
N PHE B 44 38.08 17.92 41.81
CA PHE B 44 38.89 16.72 41.66
C PHE B 44 40.02 16.96 40.67
N PRO B 45 41.06 16.12 40.70
CA PRO B 45 42.20 16.32 39.78
C PRO B 45 41.80 16.45 38.32
N ASN B 46 40.72 15.79 37.91
CA ASN B 46 40.17 15.97 36.58
C ASN B 46 39.90 17.44 36.28
N GLY B 47 39.44 18.18 37.29
CA GLY B 47 38.77 19.44 37.11
C GLY B 47 37.28 19.35 37.36
N ASN B 48 36.73 18.13 37.35
CA ASN B 48 35.37 17.93 37.79
C ASN B 48 35.20 18.43 39.21
N LYS B 49 34.07 19.10 39.46
CA LYS B 49 33.80 19.67 40.78
C LYS B 49 32.40 19.29 41.21
N TYR B 50 32.30 18.54 42.32
CA TYR B 50 31.03 18.20 42.94
C TYR B 50 30.75 19.18 44.06
N GLU B 51 29.51 19.68 44.11
CA GLU B 51 29.05 20.62 45.15
C GLU B 51 27.71 20.14 45.66
N GLY B 52 27.73 19.33 46.72
CA GLY B 52 26.51 18.84 47.30
C GLY B 52 26.76 18.16 48.63
N GLU B 53 25.82 17.30 49.00
CA GLU B 53 25.86 16.63 50.29
C GLU B 53 26.75 15.39 50.24
N TRP B 54 27.36 15.08 51.39
CA TRP B 54 28.25 13.94 51.52
C TRP B 54 27.83 13.09 52.71
N VAL B 55 28.13 11.80 52.62
CA VAL B 55 27.97 10.87 53.75
C VAL B 55 29.18 9.94 53.76
N GLU B 56 30.08 10.18 54.71
CA GLU B 56 31.26 9.34 54.96
C GLU B 56 32.04 9.05 53.68
N ASP B 57 32.66 10.12 53.18
CA ASP B 57 33.62 10.10 52.07
C ASP B 57 32.98 9.74 50.72
N ARG B 58 31.67 9.57 50.66
CA ARG B 58 30.96 9.37 49.40
C ARG B 58 29.88 10.43 49.26
N LYS B 59 29.62 10.88 48.02
CA LYS B 59 28.50 11.77 47.78
C LYS B 59 27.19 11.01 47.98
N ASP B 60 26.34 11.54 48.85
CA ASP B 60 25.12 10.86 49.26
C ASP B 60 24.10 11.93 49.60
N GLY B 61 22.97 11.90 48.93
CA GLY B 61 22.04 13.00 48.98
C GLY B 61 22.09 13.81 47.70
N TYR B 62 21.63 15.05 47.80
CA TYR B 62 21.58 15.91 46.64
C TYR B 62 22.94 16.56 46.39
N GLY B 63 23.30 16.66 45.12
CA GLY B 63 24.54 17.30 44.74
C GLY B 63 24.65 17.53 43.25
N ILE B 64 25.45 18.52 42.86
CA ILE B 64 25.68 18.86 41.46
C ILE B 64 27.15 18.63 41.14
N LEU B 65 27.42 17.86 40.09
CA LEU B 65 28.77 17.63 39.62
C LEU B 65 28.90 18.19 38.20
N LEU B 66 29.85 19.10 38.02
CA LEU B 66 30.15 19.69 36.72
C LEU B 66 31.34 18.95 36.11
N TYR B 67 31.18 18.50 34.87
CA TYR B 67 32.25 17.79 34.18
C TYR B 67 33.10 18.78 33.39
N THR B 68 34.38 18.43 33.21
CA THR B 68 35.32 19.34 32.55
C THR B 68 34.99 19.50 31.07
N ASN B 69 34.50 18.44 30.41
CA ASN B 69 34.13 18.56 29.00
C ASN B 69 32.93 19.46 28.81
N GLY B 70 32.01 19.50 29.78
CA GLY B 70 30.82 20.31 29.67
C GLY B 70 29.63 19.74 30.41
N GLU B 71 29.58 18.41 30.55
CA GLU B 71 28.41 17.75 31.12
C GLU B 71 28.11 18.24 32.53
N ARG B 72 26.89 17.97 32.99
CA ARG B 72 26.43 18.50 34.27
C ARG B 72 25.28 17.63 34.77
N TYR B 73 25.48 16.98 35.91
CA TYR B 73 24.44 16.19 36.56
C TYR B 73 23.85 16.97 37.73
N GLU B 74 22.56 16.77 37.96
CA GLU B 74 21.82 17.47 39.00
C GLU B 74 20.83 16.48 39.60
N GLY B 75 21.11 16.01 40.81
CA GLY B 75 20.17 15.08 41.43
C GLY B 75 20.77 14.41 42.65
N TYR B 76 20.11 13.33 43.07
CA TYR B 76 20.47 12.61 44.28
C TYR B 76 21.57 11.59 44.00
N TRP B 77 22.45 11.42 44.97
CA TRP B 77 23.53 10.44 44.93
C TRP B 77 23.34 9.44 46.05
N HIS B 78 23.96 8.27 45.87
CA HIS B 78 24.06 7.29 46.95
C HIS B 78 25.29 6.45 46.70
N LEU B 79 26.16 6.35 47.70
CA LEU B 79 27.41 5.60 47.59
C LEU B 79 28.22 6.08 46.39
N ASP B 80 28.28 7.40 46.21
CA ASP B 80 29.16 8.06 45.24
C ASP B 80 28.72 7.89 43.79
N LYS B 81 27.49 7.46 43.56
CA LYS B 81 26.98 7.31 42.20
C LYS B 81 25.57 7.89 42.13
N ALA B 82 25.15 8.24 40.92
CA ALA B 82 23.79 8.77 40.75
C ALA B 82 22.77 7.70 41.13
N HIS B 83 21.87 8.06 42.04
CA HIS B 83 20.90 7.11 42.57
C HIS B 83 19.69 7.90 43.05
N GLY B 84 18.53 7.63 42.44
CA GLY B 84 17.32 8.37 42.72
C GLY B 84 16.93 9.26 41.55
N LYS B 85 16.26 10.37 41.83
CA LYS B 85 15.89 11.29 40.77
C LYS B 85 17.05 12.24 40.49
N GLY B 86 17.38 12.42 39.21
CA GLY B 86 18.46 13.29 38.83
C GLY B 86 18.35 13.72 37.39
N THR B 87 18.90 14.90 37.10
CA THR B 87 18.88 15.48 35.76
C THR B 87 20.30 15.55 35.21
N LEU B 88 20.52 14.94 34.05
CA LEU B 88 21.80 14.99 33.36
C LEU B 88 21.65 15.83 32.10
N THR B 89 22.35 16.96 32.05
CA THR B 89 22.30 17.86 30.92
C THR B 89 23.60 17.77 30.14
N PHE B 90 23.51 17.42 28.87
CA PHE B 90 24.64 17.53 27.95
C PHE B 90 24.46 18.88 27.27
N LEU B 91 25.26 19.86 27.66
CA LEU B 91 25.14 21.19 27.09
C LEU B 91 25.51 21.21 25.61
N GLN B 92 25.96 20.08 25.06
CA GLN B 92 25.90 19.86 23.61
C GLN B 92 24.46 19.99 23.10
N GLY B 93 23.51 19.43 23.84
CA GLY B 93 22.11 19.49 23.46
C GLY B 93 21.24 18.48 24.18
N ASP B 94 21.81 17.32 24.53
CA ASP B 94 21.05 16.27 25.18
C ASP B 94 20.59 16.73 26.57
N ARG B 95 19.52 16.11 27.05
CA ARG B 95 18.99 16.42 28.38
C ARG B 95 18.15 15.24 28.85
N TYR B 96 18.52 14.66 29.99
CA TYR B 96 17.79 13.56 30.60
C TYR B 96 17.27 14.00 31.97
N VAL B 97 16.02 13.65 32.26
CA VAL B 97 15.37 13.95 33.53
C VAL B 97 14.61 12.70 33.94
N GLY B 98 15.08 12.02 34.99
CA GLY B 98 14.39 10.83 35.46
C GLY B 98 15.17 10.13 36.55
N GLU B 99 14.85 8.85 36.74
CA GLU B 99 15.40 8.06 37.82
C GLU B 99 16.72 7.41 37.42
N TRP B 100 17.60 7.25 38.40
CA TRP B 100 18.90 6.61 38.23
C TRP B 100 19.03 5.47 39.23
N HIS B 101 19.97 4.57 38.96
CA HIS B 101 20.27 3.46 39.86
C HIS B 101 21.77 3.19 39.79
N TYR B 102 22.50 3.80 40.72
CA TYR B 102 23.95 3.62 40.85
C TYR B 102 24.66 3.95 39.53
N GLY B 103 24.48 5.20 39.09
CA GLY B 103 25.19 5.74 37.95
C GLY B 103 24.58 5.48 36.59
N LYS B 104 23.53 4.65 36.50
CA LYS B 104 22.93 4.29 35.22
C LYS B 104 21.47 4.71 35.18
N LYS B 105 21.01 5.10 33.98
CA LYS B 105 19.61 5.44 33.79
C LYS B 105 18.75 4.21 34.03
N HIS B 106 17.83 4.31 34.99
CA HIS B 106 17.11 3.13 35.44
C HIS B 106 15.83 3.57 36.14
N GLY B 107 14.70 3.02 35.70
CA GLY B 107 13.41 3.50 36.14
C GLY B 107 12.76 4.31 35.04
N HIS B 108 12.06 5.39 35.37
CA HIS B 108 11.39 6.21 34.38
C HIS B 108 12.15 7.50 34.14
N GLY B 109 12.15 7.97 32.89
CA GLY B 109 12.87 9.17 32.54
C GLY B 109 12.58 9.58 31.11
N VAL B 110 12.79 10.87 30.85
CA VAL B 110 12.62 11.44 29.52
C VAL B 110 13.98 11.93 29.04
N LEU B 111 14.23 11.84 27.73
CA LEU B 111 15.48 12.32 27.17
C LEU B 111 15.19 13.10 25.89
N SER B 112 15.76 14.30 25.81
CA SER B 112 15.73 15.12 24.60
C SER B 112 17.06 14.96 23.88
N TYR B 113 17.02 14.32 22.72
CA TYR B 113 18.24 14.11 21.96
C TYR B 113 18.60 15.34 21.15
N SER B 114 19.90 15.48 20.85
CA SER B 114 20.36 16.58 20.02
C SER B 114 19.79 16.48 18.61
N ASN B 115 19.66 15.27 18.08
CA ASN B 115 19.17 15.08 16.72
C ASN B 115 17.69 15.42 16.57
N GLY B 116 16.98 15.68 17.67
CA GLY B 116 15.58 16.03 17.63
C GLY B 116 14.66 14.98 18.22
N ASP B 117 15.15 13.76 18.41
CA ASP B 117 14.33 12.70 18.99
C ASP B 117 14.04 12.99 20.46
N THR B 118 12.89 12.48 20.93
CA THR B 118 12.53 12.57 22.35
C THR B 118 11.93 11.25 22.81
N TYR B 119 12.45 10.72 23.92
CA TYR B 119 12.01 9.47 24.50
C TYR B 119 11.24 9.73 25.79
N ASP B 120 10.25 8.87 26.06
CA ASP B 120 9.52 8.88 27.33
C ASP B 120 9.13 7.45 27.65
N GLY B 121 9.80 6.83 28.62
CA GLY B 121 9.44 5.49 29.05
C GLY B 121 10.38 4.96 30.12
N GLU B 122 10.48 3.64 30.17
CA GLU B 122 11.28 2.97 31.19
C GLU B 122 12.71 2.77 30.71
N TRP B 123 13.60 2.56 31.68
CA TRP B 123 15.02 2.30 31.44
C TRP B 123 15.50 1.22 32.40
N ARG B 124 16.51 0.48 31.97
CA ARG B 124 17.18 -0.49 32.84
C ARG B 124 18.65 -0.53 32.48
N ASP B 125 19.51 -0.20 33.44
CA ASP B 125 20.95 -0.23 33.28
C ASP B 125 21.40 0.60 32.08
N ASP B 126 21.01 1.87 32.10
CA ASP B 126 21.39 2.90 31.13
C ASP B 126 20.86 2.64 29.73
N ASP B 127 19.90 1.74 29.57
CA ASP B 127 19.32 1.41 28.28
C ASP B 127 17.82 1.59 28.33
N ALA B 128 17.23 2.02 27.21
CA ALA B 128 15.78 1.98 27.06
C ALA B 128 15.31 0.53 27.14
N TRP B 129 14.45 0.24 28.11
CA TRP B 129 14.11 -1.15 28.44
C TRP B 129 12.76 -1.16 29.13
N GLY B 130 11.78 -1.84 28.53
CA GLY B 130 10.42 -1.79 29.04
C GLY B 130 9.54 -1.01 28.09
N TYR B 131 8.44 -0.43 28.59
CA TYR B 131 7.61 0.40 27.73
C TYR B 131 8.19 1.80 27.61
N GLY B 132 8.03 2.38 26.42
CA GLY B 132 8.55 3.70 26.14
C GLY B 132 8.15 4.17 24.75
N VAL B 133 7.92 5.46 24.61
CA VAL B 133 7.53 6.07 23.34
C VAL B 133 8.64 7.02 22.92
N LEU B 134 9.10 6.88 21.68
CA LEU B 134 10.16 7.71 21.11
C LEU B 134 9.60 8.45 19.90
N GLN B 135 9.65 9.78 19.95
CA GLN B 135 9.19 10.62 18.86
C GLN B 135 10.41 11.01 18.02
N TYR B 136 10.58 10.33 16.88
CA TYR B 136 11.74 10.58 16.02
C TYR B 136 11.65 11.95 15.37
N ALA B 137 12.82 12.54 15.11
CA ALA B 137 12.86 13.83 14.45
C ALA B 137 12.39 13.72 12.99
N ASN B 138 12.60 12.57 12.37
CA ASN B 138 12.19 12.38 10.98
C ASN B 138 10.69 12.15 10.80
N GLY B 139 9.92 11.97 11.86
CA GLY B 139 8.47 11.86 11.77
C GLY B 139 7.91 10.53 12.16
N CYS B 140 8.68 9.48 12.07
CA CYS B 140 8.21 8.27 12.69
C CYS B 140 7.98 8.41 14.17
N ARG B 141 7.22 7.47 14.72
CA ARG B 141 6.97 7.46 16.16
C ARG B 141 6.70 6.03 16.61
N TYR B 142 7.45 5.58 17.61
CA TYR B 142 7.33 4.21 18.09
C TYR B 142 6.66 4.22 19.47
N GLU B 143 5.69 3.32 19.64
CA GLU B 143 5.04 3.10 20.94
C GLU B 143 5.01 1.59 21.18
N GLY B 144 5.94 1.11 21.99
CA GLY B 144 6.02 -0.31 22.24
C GLY B 144 7.04 -0.65 23.31
N GLU B 145 7.48 -1.89 23.29
CA GLU B 145 8.40 -2.41 24.29
C GLU B 145 9.83 -2.32 23.79
N TRP B 146 10.76 -2.34 24.74
CA TRP B 146 12.18 -2.23 24.43
C TRP B 146 12.95 -3.29 25.20
N ALA B 147 14.14 -3.60 24.68
CA ALA B 147 15.11 -4.40 25.41
C ALA B 147 16.49 -4.03 24.91
N GLU B 148 17.39 -3.72 25.84
CA GLU B 148 18.78 -3.36 25.52
C GLU B 148 18.83 -2.21 24.52
N ASP B 149 18.11 -1.13 24.83
CA ASP B 149 18.14 0.12 24.08
C ASP B 149 17.69 -0.03 22.63
N ARG B 150 16.94 -1.09 22.31
CA ARG B 150 16.46 -1.31 20.95
C ARG B 150 15.04 -1.88 21.00
N ARG B 151 14.28 -1.61 19.93
CA ARG B 151 12.88 -2.02 19.89
C ARG B 151 12.76 -3.53 19.89
N HIS B 152 12.07 -4.05 20.90
CA HIS B 152 12.06 -5.49 21.16
C HIS B 152 10.72 -5.86 21.78
N GLY B 153 10.05 -6.83 21.18
CA GLY B 153 8.70 -7.18 21.59
C GLY B 153 7.66 -6.53 20.71
N LYS B 154 6.44 -6.48 21.24
CA LYS B 154 5.32 -5.86 20.54
C LYS B 154 5.46 -4.35 20.52
N GLY B 155 5.09 -3.75 19.40
CA GLY B 155 5.16 -2.30 19.27
C GLY B 155 4.24 -1.81 18.17
N LEU B 156 4.10 -0.48 18.13
CA LEU B 156 3.39 0.19 17.06
C LEU B 156 4.28 1.30 16.53
N LEU B 157 4.56 1.28 15.23
CA LEU B 157 5.41 2.26 14.59
C LEU B 157 4.59 3.01 13.56
N VAL B 158 4.32 4.29 13.82
CA VAL B 158 3.67 5.15 12.83
C VAL B 158 4.75 5.86 12.03
N LEU B 159 4.51 6.00 10.74
CA LEU B 159 5.45 6.61 9.81
C LEU B 159 4.96 8.00 9.42
N PRO B 160 5.85 8.92 9.05
CA PRO B 160 5.40 10.30 8.80
C PRO B 160 4.33 10.40 7.74
N ASP B 161 4.22 9.41 6.86
CA ASP B 161 3.09 9.34 5.94
C ASP B 161 1.77 9.29 6.70
N GLY B 162 1.74 8.58 7.83
CA GLY B 162 0.53 8.30 8.56
C GLY B 162 0.21 6.82 8.66
N SER B 163 0.72 6.00 7.75
CA SER B 163 0.57 4.56 7.85
C SER B 163 1.40 4.03 9.03
N SER B 164 1.13 2.78 9.40
CA SER B 164 1.76 2.24 10.59
C SER B 164 1.96 0.74 10.46
N TYR B 165 2.97 0.24 11.16
CA TYR B 165 3.16 -1.19 11.39
C TYR B 165 2.88 -1.46 12.86
N GLU B 166 2.14 -2.53 13.13
CA GLU B 166 2.01 -3.03 14.48
C GLU B 166 2.26 -4.53 14.47
N GLY B 167 3.14 -4.97 15.35
CA GLY B 167 3.57 -6.36 15.34
C GLY B 167 4.66 -6.59 16.36
N SER B 168 5.54 -7.53 16.04
CA SER B 168 6.62 -7.89 16.94
C SER B 168 7.94 -7.32 16.42
N PHE B 169 8.83 -7.00 17.35
CA PHE B 169 10.15 -6.51 17.01
C PHE B 169 11.20 -7.36 17.71
N ALA B 170 12.40 -7.42 17.12
CA ALA B 170 13.51 -8.12 17.74
C ALA B 170 14.80 -7.38 17.39
N HIS B 171 15.47 -6.87 18.41
CA HIS B 171 16.80 -6.25 18.27
C HIS B 171 16.77 -5.04 17.35
N GLY B 172 15.67 -4.29 17.39
CA GLY B 172 15.55 -3.04 16.67
C GLY B 172 14.90 -3.12 15.31
N LYS B 173 14.54 -4.31 14.82
CA LYS B 173 13.97 -4.49 13.49
C LYS B 173 12.66 -5.25 13.58
N LYS B 174 11.81 -5.05 12.57
CA LYS B 174 10.56 -5.80 12.49
C LYS B 174 10.85 -7.29 12.41
N ASP B 175 10.18 -8.07 13.26
CA ASP B 175 10.50 -9.50 13.36
C ASP B 175 9.34 -10.21 14.03
N GLY B 176 8.79 -11.22 13.37
CA GLY B 176 7.64 -11.93 13.87
C GLY B 176 6.38 -11.54 13.13
N PRO B 177 5.22 -11.93 13.68
CA PRO B 177 3.96 -11.55 13.05
C PRO B 177 3.75 -10.04 13.12
N GLY B 178 2.96 -9.53 12.19
CA GLY B 178 2.71 -8.11 12.15
C GLY B 178 1.70 -7.76 11.08
N LYS B 179 1.05 -6.61 11.27
CA LYS B 179 0.15 -6.02 10.31
C LYS B 179 0.66 -4.62 9.98
N ILE B 180 0.61 -4.26 8.70
CA ILE B 180 0.91 -2.90 8.27
C ILE B 180 -0.34 -2.31 7.65
N ILE B 181 -0.85 -1.24 8.26
CA ILE B 181 -2.09 -0.60 7.84
C ILE B 181 -1.73 0.67 7.10
N LEU B 182 -2.37 0.90 5.95
CA LEU B 182 -2.09 2.07 5.13
C LEU B 182 -3.11 3.16 5.38
N LYS B 183 -2.71 4.40 5.08
CA LYS B 183 -3.66 5.52 5.10
C LYS B 183 -4.88 5.20 4.24
N ASP B 184 -4.64 4.62 3.06
CA ASP B 184 -5.72 4.25 2.15
C ASP B 184 -6.77 3.38 2.83
N GLY B 185 -6.37 2.61 3.84
CA GLY B 185 -7.23 1.65 4.48
C GLY B 185 -6.87 0.20 4.21
N SER B 186 -5.98 -0.04 3.24
CA SER B 186 -5.54 -1.39 2.93
C SER B 186 -4.58 -1.90 4.00
N MET B 187 -4.36 -3.21 3.99
CA MET B 187 -3.57 -3.88 5.01
C MET B 187 -2.73 -4.97 4.39
N TYR B 188 -1.54 -5.18 4.93
CA TYR B 188 -0.72 -6.34 4.62
C TYR B 188 -0.42 -7.07 5.92
N ILE B 189 -0.80 -8.34 5.98
CA ILE B 189 -0.54 -9.19 7.13
C ILE B 189 0.45 -10.27 6.72
N GLY B 190 1.52 -10.39 7.48
CA GLY B 190 2.52 -11.39 7.20
C GLY B 190 3.48 -11.51 8.35
N THR B 191 4.62 -12.11 8.09
CA THR B 191 5.64 -12.33 9.11
C THR B 191 6.96 -11.70 8.66
N TRP B 192 7.67 -11.12 9.61
CA TRP B 192 8.97 -10.52 9.37
C TRP B 192 10.05 -11.34 10.06
N LYS B 193 11.28 -11.21 9.56
CA LYS B 193 12.45 -11.75 10.25
C LYS B 193 13.62 -10.83 9.97
N ASP B 194 14.15 -10.21 11.03
CA ASP B 194 15.29 -9.29 10.95
C ASP B 194 14.98 -8.12 10.00
N GLY B 195 13.79 -7.56 10.13
CA GLY B 195 13.42 -6.35 9.42
C GLY B 195 12.93 -6.53 7.99
N VAL B 196 12.79 -7.77 7.52
CA VAL B 196 12.47 -8.02 6.12
C VAL B 196 11.28 -8.96 6.01
N ILE B 197 10.37 -8.65 5.09
CA ILE B 197 9.25 -9.54 4.78
C ILE B 197 9.78 -10.82 4.15
N VAL B 198 9.23 -11.96 4.57
CA VAL B 198 9.42 -13.22 3.84
C VAL B 198 8.42 -14.25 4.37
N GLY B 199 7.97 -15.13 3.48
CA GLY B 199 6.94 -16.11 3.78
C GLY B 199 5.64 -15.79 3.05
N GLN B 200 4.64 -16.62 3.31
CA GLN B 200 3.31 -16.34 2.83
C GLN B 200 2.73 -15.13 3.55
N GLY B 201 2.08 -14.25 2.79
CA GLY B 201 1.44 -13.09 3.37
C GLY B 201 0.04 -12.90 2.78
N GLU B 202 -0.70 -12.00 3.41
CA GLU B 202 -2.02 -11.60 2.94
C GLU B 202 -2.04 -10.09 2.75
N PHE B 203 -2.71 -9.65 1.69
CA PHE B 203 -2.89 -8.23 1.40
C PHE B 203 -4.35 -7.99 1.05
N ARG B 204 -5.05 -7.23 1.89
CA ARG B 204 -6.43 -6.82 1.63
C ARG B 204 -6.43 -5.41 1.06
N LEU B 205 -7.18 -5.20 -0.02
CA LEU B 205 -7.35 -3.87 -0.56
C LEU B 205 -8.63 -3.25 -0.06
N SER B 206 -8.66 -1.91 -0.06
CA SER B 206 -9.81 -1.17 0.45
C SER B 206 -11.04 -1.35 -0.45
N GLU B 207 -10.84 -1.43 -1.76
CA GLU B 207 -11.95 -1.49 -2.72
C GLU B 207 -11.85 -2.74 -3.59
N ASN B 208 -13.00 -3.38 -3.83
CA ASN B 208 -13.06 -4.66 -4.55
C ASN B 208 -13.10 -4.45 -6.05
N CYS B 209 -14.27 -4.11 -6.59
CA CYS B 209 -14.54 -3.98 -8.02
C CYS B 209 -14.39 -5.32 -8.76
#